data_4K1E
#
_entry.id   4K1E
#
_cell.length_a   39.780
_cell.length_b   63.306
_cell.length_c   41.181
_cell.angle_alpha   90.00
_cell.angle_beta   115.66
_cell.angle_gamma   90.00
#
_symmetry.space_group_name_H-M   'P 1 21 1'
#
loop_
_entity.id
_entity.type
_entity.pdbx_description
1 polymer Kallikrein-4
2 polymer 'Trypsin inhibitor 1'
3 non-polymer (4S)-2-METHYL-2,4-PENTANEDIOL
4 non-polymer 'LITHIUM ION'
5 water water
#
loop_
_entity_poly.entity_id
_entity_poly.type
_entity_poly.pdbx_seq_one_letter_code
_entity_poly.pdbx_strand_id
1 'polypeptide(L)'
;IINGEDCSPHSQPWQAALVMENELFCSGVLVHPQWVLSAAHCFQNSYTIGLGLHSLEADQEPGSQMVEASLSVRHPEYNR
PLLANDLMLIKLDESVSESDTIRSISIASQCPTAGNSCLVSGWGLLANGRMPTVLQCVNVSVVSEEVCSKLYDPLYHPSM
FCAGGGQDQKDSCNGDSGGPLICNGYLQGLVSFGKAPCGQVGVPGVYTNLCKFTEWIEKTVQA
;
A
2 'polypeptide(L)' GFCQRSIPPICFPD B
#
loop_
_chem_comp.id
_chem_comp.type
_chem_comp.name
_chem_comp.formula
LI non-polymer 'LITHIUM ION' 'Li 1'
MPD non-polymer (4S)-2-METHYL-2,4-PENTANEDIOL 'C6 H14 O2'
#
# COMPACT_ATOMS: atom_id res chain seq x y z
N ILE A 1 6.00 3.51 -8.43
CA ILE A 1 4.86 3.88 -9.28
C ILE A 1 5.31 4.08 -10.73
N ILE A 2 4.76 3.25 -11.63
CA ILE A 2 5.09 3.29 -13.05
C ILE A 2 4.19 4.28 -13.79
N ASN A 3 4.82 5.24 -14.47
CA ASN A 3 4.13 6.22 -15.32
C ASN A 3 3.19 7.17 -14.59
N GLY A 4 3.52 7.47 -13.34
CA GLY A 4 2.84 8.52 -12.62
C GLY A 4 3.61 9.82 -12.65
N GLU A 5 3.35 10.68 -11.68
CA GLU A 5 4.07 11.94 -11.55
C GLU A 5 4.13 12.31 -10.08
N ASP A 6 4.91 13.33 -9.75
CA ASP A 6 4.98 13.81 -8.37
C ASP A 6 3.58 14.11 -7.88
N CYS A 7 3.24 13.59 -6.70
CA CYS A 7 1.99 13.98 -6.07
C CYS A 7 2.05 15.45 -5.69
N SER A 8 0.89 16.11 -5.64
N SER A 8 0.89 16.11 -5.64
CA SER A 8 0.79 17.41 -5.01
CA SER A 8 0.81 17.41 -5.01
C SER A 8 1.22 17.25 -3.55
C SER A 8 1.22 17.25 -3.55
N PRO A 9 2.09 18.13 -3.07
CA PRO A 9 2.63 17.98 -1.71
C PRO A 9 1.56 17.88 -0.62
N HIS A 10 1.62 16.79 0.14
CA HIS A 10 0.73 16.56 1.27
C HIS A 10 -0.73 16.35 0.88
N SER A 11 -0.95 16.00 -0.39
CA SER A 11 -2.31 15.68 -0.85
C SER A 11 -2.75 14.27 -0.46
N GLN A 12 -1.80 13.44 0.01
CA GLN A 12 -2.08 12.10 0.52
C GLN A 12 -1.55 12.00 1.97
N PRO A 13 -2.17 12.74 2.90
CA PRO A 13 -1.61 12.87 4.26
C PRO A 13 -1.68 11.60 5.12
N TRP A 14 -2.30 10.54 4.61
CA TRP A 14 -2.33 9.24 5.27
C TRP A 14 -1.15 8.37 4.86
N GLN A 15 -0.34 8.83 3.91
CA GLN A 15 0.77 8.01 3.41
C GLN A 15 1.83 7.82 4.49
N ALA A 16 2.24 6.58 4.72
CA ALA A 16 3.30 6.29 5.67
C ALA A 16 4.47 5.64 4.95
N ALA A 17 5.69 6.10 5.26
CA ALA A 17 6.89 5.46 4.75
C ALA A 17 7.41 4.50 5.80
N LEU A 18 7.64 3.23 5.42
CA LEU A 18 8.24 2.26 6.33
C LEU A 18 9.71 2.15 5.97
N VAL A 19 10.58 2.54 6.91
CA VAL A 19 12.01 2.52 6.62
C VAL A 19 12.79 1.76 7.66
N MET A 20 13.94 1.25 7.25
N MET A 20 13.93 1.23 7.23
CA MET A 20 14.88 0.60 8.15
CA MET A 20 14.89 0.58 8.12
C MET A 20 16.26 1.08 7.75
C MET A 20 16.27 1.09 7.74
N GLU A 21 17.01 1.58 8.72
CA GLU A 21 18.29 2.25 8.48
C GLU A 21 18.09 3.37 7.46
N ASN A 22 16.96 4.07 7.60
CA ASN A 22 16.59 5.17 6.72
C ASN A 22 16.46 4.82 5.24
N GLU A 23 16.19 3.54 4.97
CA GLU A 23 15.94 3.08 3.60
C GLU A 23 14.53 2.50 3.53
N LEU A 24 13.72 3.03 2.62
CA LEU A 24 12.34 2.58 2.50
C LEU A 24 12.29 1.14 2.00
N PHE A 25 11.39 0.33 2.57
CA PHE A 25 11.17 -1.01 2.05
C PHE A 25 9.70 -1.24 1.68
N CYS A 26 8.82 -0.43 2.24
CA CYS A 26 7.39 -0.52 1.99
C CYS A 26 6.75 0.80 2.36
N SER A 27 5.47 0.95 2.03
CA SER A 27 4.65 2.00 2.59
C SER A 27 3.59 1.43 3.50
N GLY A 28 2.80 2.31 4.10
CA GLY A 28 1.62 1.94 4.84
C GLY A 28 0.63 3.08 4.76
N VAL A 29 -0.49 2.94 5.46
CA VAL A 29 -1.56 3.92 5.41
C VAL A 29 -2.07 4.18 6.82
N LEU A 30 -2.07 5.45 7.22
CA LEU A 30 -2.58 5.82 8.53
C LEU A 30 -4.10 5.72 8.53
N VAL A 31 -4.66 4.83 9.36
CA VAL A 31 -6.11 4.66 9.40
C VAL A 31 -6.76 5.15 10.70
N HIS A 32 -5.95 5.30 11.74
CA HIS A 32 -6.36 5.95 12.99
C HIS A 32 -5.11 6.61 13.56
N PRO A 33 -5.28 7.51 14.54
CA PRO A 33 -4.11 8.20 15.07
C PRO A 33 -2.96 7.31 15.55
N GLN A 34 -3.25 6.07 15.96
CA GLN A 34 -2.18 5.18 16.44
C GLN A 34 -1.98 3.94 15.58
N TRP A 35 -2.60 3.89 14.40
CA TRP A 35 -2.63 2.66 13.63
C TRP A 35 -2.34 2.85 12.16
N VAL A 36 -1.39 2.07 11.66
CA VAL A 36 -1.01 2.09 10.26
C VAL A 36 -1.27 0.71 9.66
N LEU A 37 -2.00 0.69 8.55
CA LEU A 37 -2.15 -0.55 7.77
C LEU A 37 -0.97 -0.71 6.83
N SER A 38 -0.54 -1.94 6.60
CA SER A 38 0.42 -2.23 5.55
C SER A 38 0.22 -3.67 5.07
N ALA A 39 1.00 -4.08 4.08
CA ALA A 39 0.97 -5.47 3.63
C ALA A 39 1.62 -6.37 4.69
N ALA A 40 1.07 -7.56 4.91
CA ALA A 40 1.65 -8.51 5.85
C ALA A 40 3.06 -8.92 5.42
N HIS A 41 3.34 -8.91 4.12
CA HIS A 41 4.69 -9.28 3.68
C HIS A 41 5.75 -8.22 4.03
N CYS A 42 5.31 -7.07 4.54
CA CYS A 42 6.20 -6.01 5.00
C CYS A 42 6.52 -6.11 6.50
N PHE A 43 6.05 -7.19 7.14
CA PHE A 43 6.24 -7.38 8.58
C PHE A 43 7.71 -7.30 9.02
N GLN A 44 7.95 -6.57 10.11
CA GLN A 44 9.27 -6.49 10.74
C GLN A 44 9.09 -6.49 12.25
N ASN A 45 10.19 -6.72 12.97
CA ASN A 45 10.14 -6.72 14.42
CA ASN A 45 10.17 -6.72 14.42
C ASN A 45 10.04 -5.31 15.01
N SER A 46 10.35 -4.31 14.19
N SER A 46 10.37 -4.32 14.19
CA SER A 46 10.17 -2.93 14.61
CA SER A 46 10.34 -2.91 14.61
C SER A 46 10.21 -2.06 13.37
C SER A 46 10.23 -2.05 13.36
N TYR A 47 9.69 -0.84 13.51
CA TYR A 47 9.54 0.05 12.37
C TYR A 47 9.90 1.48 12.73
N THR A 48 10.48 2.17 11.77
CA THR A 48 10.52 3.62 11.79
C THR A 48 9.57 4.07 10.71
N ILE A 49 8.63 4.92 11.08
CA ILE A 49 7.57 5.30 10.16
C ILE A 49 7.59 6.79 9.90
N GLY A 50 7.69 7.17 8.63
CA GLY A 50 7.69 8.56 8.25
C GLY A 50 6.31 9.01 7.88
N LEU A 51 5.81 10.03 8.59
CA LEU A 51 4.50 10.59 8.34
C LEU A 51 4.61 12.06 7.94
N GLY A 52 3.70 12.52 7.09
CA GLY A 52 3.70 13.90 6.67
C GLY A 52 4.81 14.21 5.68
N LEU A 53 5.30 13.18 5.00
CA LEU A 53 6.41 13.34 4.08
C LEU A 53 5.98 13.63 2.64
N HIS A 54 6.87 14.28 1.91
CA HIS A 54 6.73 14.39 0.47
C HIS A 54 8.01 13.82 -0.13
N SER A 55 9.14 14.41 0.26
CA SER A 55 10.45 13.89 -0.11
C SER A 55 11.00 12.95 0.96
N LEU A 56 11.72 11.92 0.54
CA LEU A 56 12.43 11.03 1.46
C LEU A 56 13.81 11.57 1.81
N GLU A 57 14.39 12.33 0.89
CA GLU A 57 15.77 12.80 1.04
C GLU A 57 15.87 14.16 1.70
N ALA A 58 14.81 14.96 1.56
CA ALA A 58 14.85 16.36 2.01
C ALA A 58 14.92 16.51 3.52
N ASP A 59 15.25 17.72 3.96
CA ASP A 59 15.19 18.06 5.38
C ASP A 59 13.75 17.94 5.84
N GLN A 60 13.56 17.73 7.13
CA GLN A 60 12.22 17.63 7.71
C GLN A 60 11.34 18.77 7.26
N GLU A 61 10.31 18.45 6.47
CA GLU A 61 9.33 19.43 6.05
C GLU A 61 8.51 19.80 7.27
N PRO A 62 8.01 21.05 7.33
CA PRO A 62 7.13 21.41 8.44
C PRO A 62 5.99 20.42 8.58
N GLY A 63 5.81 19.91 9.79
CA GLY A 63 4.71 19.00 10.07
C GLY A 63 5.06 17.52 9.98
N SER A 64 6.21 17.20 9.42
CA SER A 64 6.58 15.79 9.26
C SER A 64 7.01 15.18 10.58
N GLN A 65 6.84 13.86 10.70
CA GLN A 65 7.25 13.14 11.90
C GLN A 65 7.90 11.81 11.53
N MET A 66 8.93 11.43 12.25
CA MET A 66 9.45 10.08 12.22
C MET A 66 9.05 9.41 13.52
N VAL A 67 8.20 8.40 13.44
CA VAL A 67 7.67 7.76 14.63
C VAL A 67 8.05 6.29 14.70
N GLU A 68 8.29 5.82 15.91
CA GLU A 68 8.62 4.41 16.11
C GLU A 68 7.38 3.57 16.31
N ALA A 69 7.44 2.33 15.84
CA ALA A 69 6.39 1.36 16.11
C ALA A 69 7.04 0.03 16.46
N SER A 70 6.69 -0.51 17.61
CA SER A 70 7.30 -1.72 18.13
C SER A 70 6.37 -2.91 18.12
N LEU A 71 5.12 -2.70 17.70
CA LEU A 71 4.11 -3.75 17.68
C LEU A 71 3.38 -3.78 16.36
N SER A 72 3.16 -4.98 15.83
CA SER A 72 2.36 -5.14 14.64
C SER A 72 1.80 -6.54 14.62
N VAL A 73 0.69 -6.73 13.91
CA VAL A 73 0.07 -8.04 13.83
C VAL A 73 -0.46 -8.31 12.42
N ARG A 74 -0.04 -9.45 11.87
N ARG A 74 -0.04 -9.45 11.87
CA ARG A 74 -0.52 -9.87 10.57
CA ARG A 74 -0.51 -9.88 10.56
C ARG A 74 -1.90 -10.49 10.69
C ARG A 74 -1.88 -10.51 10.67
N HIS A 75 -2.67 -10.41 9.62
CA HIS A 75 -3.92 -11.13 9.56
C HIS A 75 -3.63 -12.63 9.81
N PRO A 76 -4.44 -13.29 10.65
CA PRO A 76 -4.14 -14.68 11.01
C PRO A 76 -4.14 -15.66 9.82
N GLU A 77 -4.72 -15.27 8.70
CA GLU A 77 -4.74 -16.14 7.51
C GLU A 77 -3.81 -15.67 6.39
N TYR A 78 -2.90 -14.76 6.71
CA TYR A 78 -1.91 -14.32 5.72
C TYR A 78 -1.19 -15.51 5.08
N ASN A 79 -1.12 -15.52 3.75
CA ASN A 79 -0.40 -16.53 2.99
C ASN A 79 -1.02 -17.92 3.05
N ARG A 80 -2.28 -17.98 3.52
CA ARG A 80 -3.06 -19.21 3.47
C ARG A 80 -4.44 -18.95 2.84
N PRO A 81 -4.56 -19.15 1.51
CA PRO A 81 -3.57 -19.69 0.58
C PRO A 81 -2.51 -18.66 0.19
N LEU A 82 -1.53 -19.08 -0.60
CA LEU A 82 -0.37 -18.27 -0.92
C LEU A 82 -0.76 -16.90 -1.46
N LEU A 83 -0.13 -15.86 -0.90
CA LEU A 83 -0.32 -14.44 -1.29
C LEU A 83 -1.60 -13.81 -0.76
N ALA A 84 -2.52 -14.61 -0.21
CA ALA A 84 -3.82 -14.10 0.22
C ALA A 84 -3.76 -13.42 1.59
N ASN A 85 -4.80 -12.62 1.88
CA ASN A 85 -4.98 -12.01 3.19
C ASN A 85 -3.75 -11.19 3.58
N ASP A 86 -3.29 -10.38 2.63
CA ASP A 86 -2.01 -9.67 2.76
C ASP A 86 -2.19 -8.32 3.46
N LEU A 87 -2.42 -8.37 4.76
CA LEU A 87 -2.52 -7.14 5.53
C LEU A 87 -2.02 -7.34 6.94
N MET A 88 -1.56 -6.25 7.53
CA MET A 88 -1.19 -6.24 8.93
C MET A 88 -1.52 -4.87 9.48
N LEU A 89 -1.66 -4.80 10.80
CA LEU A 89 -1.82 -3.53 11.50
C LEU A 89 -0.58 -3.27 12.32
N ILE A 90 -0.03 -2.06 12.16
CA ILE A 90 1.10 -1.61 12.94
C ILE A 90 0.57 -0.63 13.98
N LYS A 91 0.90 -0.85 15.25
CA LYS A 91 0.52 0.09 16.29
C LYS A 91 1.69 1.02 16.60
N LEU A 92 1.48 2.32 16.37
CA LEU A 92 2.51 3.30 16.66
C LEU A 92 2.78 3.34 18.16
N ASP A 93 4.03 3.61 18.53
CA ASP A 93 4.38 3.65 19.95
C ASP A 93 3.74 4.85 20.63
N GLU A 94 3.40 5.87 19.85
CA GLU A 94 2.66 7.04 20.33
C GLU A 94 1.60 7.41 19.30
N SER A 95 0.42 7.79 19.78
CA SER A 95 -0.64 8.30 18.91
CA SER A 95 -0.63 8.28 18.90
C SER A 95 -0.19 9.60 18.28
N VAL A 96 -0.55 9.84 17.02
CA VAL A 96 -0.19 11.10 16.39
C VAL A 96 -1.34 12.08 16.53
N SER A 97 -1.02 13.31 16.91
CA SER A 97 -2.00 14.38 16.86
C SER A 97 -2.19 14.72 15.39
N GLU A 98 -3.36 14.43 14.85
CA GLU A 98 -3.61 14.70 13.45
C GLU A 98 -3.55 16.19 13.15
N SER A 99 -3.04 16.52 11.97
CA SER A 99 -2.63 17.86 11.65
C SER A 99 -2.99 18.15 10.22
N ASP A 100 -2.50 19.27 9.70
CA ASP A 100 -2.76 19.60 8.32
C ASP A 100 -2.16 18.56 7.36
N THR A 101 -1.08 17.91 7.77
CA THR A 101 -0.33 17.08 6.84
C THR A 101 -0.26 15.61 7.25
N ILE A 102 -0.79 15.30 8.42
CA ILE A 102 -0.88 13.92 8.87
C ILE A 102 -2.31 13.64 9.27
N ARG A 103 -2.99 12.81 8.49
CA ARG A 103 -4.41 12.57 8.69
C ARG A 103 -4.75 11.14 8.35
N SER A 104 -5.65 10.54 9.12
CA SER A 104 -6.10 9.20 8.82
CA SER A 104 -6.11 9.20 8.84
C SER A 104 -7.13 9.22 7.69
N ILE A 105 -7.28 8.08 7.03
CA ILE A 105 -8.29 7.92 6.00
C ILE A 105 -9.20 6.74 6.35
N SER A 106 -10.50 6.86 6.07
CA SER A 106 -11.42 5.78 6.37
C SER A 106 -11.43 4.74 5.25
N ILE A 107 -11.70 3.49 5.63
CA ILE A 107 -11.79 2.39 4.68
C ILE A 107 -13.14 2.37 3.98
N ALA A 108 -13.14 2.06 2.70
CA ALA A 108 -14.36 1.97 1.91
C ALA A 108 -15.38 1.03 2.53
N SER A 109 -16.65 1.43 2.49
CA SER A 109 -17.75 0.63 3.01
C SER A 109 -18.47 -0.11 1.88
N GLN A 110 -17.86 -0.10 0.71
CA GLN A 110 -18.32 -0.87 -0.43
C GLN A 110 -17.12 -1.58 -1.01
N CYS A 111 -17.34 -2.76 -1.57
CA CYS A 111 -16.27 -3.50 -2.19
C CYS A 111 -15.99 -2.94 -3.59
N PRO A 112 -14.81 -3.24 -4.15
CA PRO A 112 -14.44 -2.66 -5.45
C PRO A 112 -15.38 -3.10 -6.56
N THR A 113 -15.61 -2.20 -7.51
CA THR A 113 -16.45 -2.50 -8.66
C THR A 113 -15.69 -2.12 -9.91
N ALA A 114 -15.75 -2.97 -10.94
CA ALA A 114 -15.10 -2.67 -12.20
C ALA A 114 -15.49 -1.27 -12.66
N GLY A 115 -14.50 -0.49 -13.07
CA GLY A 115 -14.77 0.84 -13.56
C GLY A 115 -14.50 1.90 -12.53
N ASN A 116 -14.40 1.49 -11.26
CA ASN A 116 -14.06 2.43 -10.20
C ASN A 116 -12.76 3.16 -10.51
N SER A 117 -12.78 4.47 -10.34
CA SER A 117 -11.62 5.31 -10.63
C SER A 117 -10.79 5.48 -9.36
N CYS A 118 -9.50 5.14 -9.44
CA CYS A 118 -8.67 5.17 -8.24
C CYS A 118 -7.34 5.90 -8.41
N LEU A 119 -6.68 6.12 -7.28
CA LEU A 119 -5.35 6.69 -7.26
C LEU A 119 -4.47 5.82 -6.38
N VAL A 120 -3.26 5.53 -6.84
CA VAL A 120 -2.28 4.80 -6.03
C VAL A 120 -1.04 5.68 -5.90
N SER A 121 -0.41 5.64 -4.73
CA SER A 121 0.75 6.49 -4.46
C SER A 121 1.85 5.72 -3.76
N GLY A 122 3.09 6.15 -3.97
CA GLY A 122 4.21 5.51 -3.30
C GLY A 122 5.56 5.97 -3.79
N TRP A 123 6.59 5.44 -3.16
CA TRP A 123 7.98 5.78 -3.48
C TRP A 123 8.70 4.61 -4.14
N GLY A 124 7.94 3.68 -4.72
CA GLY A 124 8.54 2.54 -5.40
C GLY A 124 9.14 2.88 -6.76
N LEU A 125 9.64 1.85 -7.44
CA LEU A 125 10.30 2.01 -8.73
C LEU A 125 9.50 2.81 -9.75
N LEU A 126 10.21 3.69 -10.46
CA LEU A 126 9.66 4.45 -11.57
C LEU A 126 9.76 3.66 -12.87
N ALA A 127 9.13 4.17 -13.92
CA ALA A 127 9.24 3.59 -15.26
C ALA A 127 10.69 3.50 -15.73
N ASN A 128 11.53 4.42 -15.28
CA ASN A 128 12.92 4.44 -15.74
C ASN A 128 13.88 3.59 -14.90
N GLY A 129 13.32 2.83 -13.95
CA GLY A 129 14.10 1.91 -13.14
C GLY A 129 14.73 2.51 -11.90
N ARG A 130 14.55 3.82 -11.71
CA ARG A 130 15.11 4.51 -10.56
C ARG A 130 14.10 4.62 -9.43
N MET A 131 14.59 4.94 -8.23
N MET A 131 14.59 4.93 -8.23
CA MET A 131 13.71 5.27 -7.12
CA MET A 131 13.72 5.22 -7.10
C MET A 131 13.52 6.77 -7.09
C MET A 131 13.54 6.73 -7.00
N PRO A 132 12.29 7.20 -6.85
CA PRO A 132 12.04 8.63 -6.72
C PRO A 132 12.42 9.11 -5.32
N THR A 133 12.67 10.40 -5.19
CA THR A 133 12.82 11.00 -3.87
C THR A 133 11.48 11.53 -3.39
N VAL A 134 10.64 11.91 -4.35
CA VAL A 134 9.35 12.53 -4.08
C VAL A 134 8.21 11.53 -4.31
N LEU A 135 7.22 11.55 -3.41
CA LEU A 135 6.05 10.69 -3.52
C LEU A 135 5.39 10.81 -4.89
N GLN A 136 5.12 9.66 -5.51
CA GLN A 136 4.51 9.57 -6.83
C GLN A 136 3.05 9.18 -6.72
N CYS A 137 2.25 9.65 -7.68
CA CYS A 137 0.81 9.39 -7.75
C CYS A 137 0.46 8.97 -9.18
N VAL A 138 -0.43 8.01 -9.33
CA VAL A 138 -0.94 7.65 -10.64
C VAL A 138 -2.38 7.14 -10.56
N ASN A 139 -3.14 7.34 -11.62
CA ASN A 139 -4.51 6.87 -11.71
C ASN A 139 -4.56 5.46 -12.29
N VAL A 140 -5.35 4.60 -11.65
CA VAL A 140 -5.64 3.27 -12.17
C VAL A 140 -7.11 2.95 -11.92
N SER A 141 -7.69 2.11 -12.77
CA SER A 141 -9.09 1.75 -12.63
C SER A 141 -9.26 0.29 -12.22
N VAL A 142 -10.25 0.03 -11.37
CA VAL A 142 -10.55 -1.33 -10.94
C VAL A 142 -11.06 -2.15 -12.13
N VAL A 143 -10.62 -3.40 -12.22
CA VAL A 143 -11.21 -4.34 -13.17
C VAL A 143 -12.00 -5.40 -12.42
N SER A 144 -12.81 -6.16 -13.15
CA SER A 144 -13.72 -7.12 -12.52
C SER A 144 -12.97 -8.27 -11.85
N GLU A 145 -13.65 -8.90 -10.91
CA GLU A 145 -13.13 -10.08 -10.24
C GLU A 145 -12.77 -11.17 -11.26
N GLU A 146 -13.57 -11.31 -12.31
CA GLU A 146 -13.32 -12.34 -13.31
C GLU A 146 -12.03 -12.05 -14.09
N VAL A 147 -11.76 -10.79 -14.36
CA VAL A 147 -10.48 -10.42 -14.99
C VAL A 147 -9.32 -10.77 -14.05
N CYS A 148 -9.47 -10.42 -12.79
CA CYS A 148 -8.41 -10.66 -11.81
C CYS A 148 -8.15 -12.16 -11.67
N SER A 149 -9.23 -12.93 -11.61
CA SER A 149 -9.07 -14.36 -11.39
CA SER A 149 -9.18 -14.38 -11.45
C SER A 149 -8.46 -15.06 -12.60
N LYS A 150 -8.75 -14.57 -13.81
CA LYS A 150 -8.13 -15.14 -14.99
C LYS A 150 -6.65 -14.80 -15.06
N LEU A 151 -6.34 -13.53 -14.82
CA LEU A 151 -4.97 -13.06 -14.98
C LEU A 151 -4.04 -13.62 -13.93
N TYR A 152 -4.55 -13.83 -12.72
CA TYR A 152 -3.70 -14.28 -11.62
C TYR A 152 -3.90 -15.73 -11.24
N ASP A 153 -4.58 -16.45 -12.13
CA ASP A 153 -4.54 -17.90 -12.20
C ASP A 153 -3.12 -18.36 -11.90
N PRO A 154 -2.95 -19.26 -10.93
CA PRO A 154 -3.95 -19.99 -10.13
C PRO A 154 -4.20 -19.43 -8.74
N LEU A 155 -3.71 -18.24 -8.41
CA LEU A 155 -3.67 -17.78 -7.02
C LEU A 155 -4.68 -16.71 -6.64
N TYR A 156 -5.66 -16.43 -7.48
CA TYR A 156 -6.66 -15.42 -7.11
C TYR A 156 -7.50 -15.87 -5.92
N HIS A 157 -7.71 -14.93 -5.00
CA HIS A 157 -8.46 -15.16 -3.77
C HIS A 157 -9.29 -13.92 -3.50
N PRO A 158 -10.49 -14.08 -2.91
CA PRO A 158 -11.38 -12.91 -2.73
C PRO A 158 -10.83 -11.83 -1.80
N SER A 159 -9.73 -12.12 -1.09
CA SER A 159 -9.03 -11.11 -0.31
C SER A 159 -8.20 -10.19 -1.20
N MET A 160 -8.26 -10.40 -2.51
CA MET A 160 -7.52 -9.62 -3.51
C MET A 160 -8.48 -8.93 -4.47
N PHE A 161 -8.03 -7.82 -5.06
CA PHE A 161 -8.67 -7.30 -6.26
C PHE A 161 -7.63 -6.65 -7.16
N CYS A 162 -8.02 -6.41 -8.40
CA CYS A 162 -7.09 -5.91 -9.42
C CYS A 162 -7.45 -4.51 -9.87
N ALA A 163 -6.43 -3.71 -10.16
CA ALA A 163 -6.61 -2.40 -10.72
C ALA A 163 -5.45 -2.07 -11.62
N GLY A 164 -5.73 -1.32 -12.69
CA GLY A 164 -4.73 -1.03 -13.70
C GLY A 164 -4.86 -1.94 -14.91
N GLY A 165 -3.72 -2.27 -15.52
CA GLY A 165 -3.69 -3.13 -16.68
C GLY A 165 -3.95 -2.43 -18.01
N GLY A 166 -4.10 -1.11 -17.97
CA GLY A 166 -4.40 -0.34 -19.15
C GLY A 166 -3.27 -0.30 -20.16
N GLN A 167 -3.61 0.10 -21.38
CA GLN A 167 -2.61 0.31 -22.41
C GLN A 167 -1.62 1.42 -22.01
N ASP A 168 -2.04 2.27 -21.07
CA ASP A 168 -1.20 3.36 -20.55
C ASP A 168 -0.02 2.92 -19.67
N GLN A 169 0.01 1.64 -19.31
CA GLN A 169 1.10 1.06 -18.52
C GLN A 169 1.33 1.79 -17.19
N LYS A 170 0.23 2.13 -16.53
CA LYS A 170 0.25 2.74 -15.22
C LYS A 170 0.03 1.64 -14.18
N ASP A 171 0.89 1.60 -13.16
CA ASP A 171 0.93 0.47 -12.24
C ASP A 171 1.72 0.85 -10.99
N SER A 172 1.56 0.04 -9.94
CA SER A 172 2.45 0.08 -8.79
C SER A 172 3.67 -0.78 -9.12
N CYS A 173 4.73 -0.69 -8.32
CA CYS A 173 5.90 -1.53 -8.52
C CYS A 173 6.67 -1.73 -7.21
N ASN A 174 7.87 -2.30 -7.29
CA ASN A 174 8.64 -2.64 -6.10
C ASN A 174 8.94 -1.44 -5.22
N GLY A 175 8.56 -1.57 -3.95
CA GLY A 175 8.68 -0.48 -2.99
C GLY A 175 7.35 0.18 -2.72
N ASP A 176 6.34 -0.11 -3.54
CA ASP A 176 5.01 0.45 -3.33
C ASP A 176 4.13 -0.37 -2.40
N SER A 177 4.53 -1.61 -2.10
CA SER A 177 3.74 -2.49 -1.23
C SER A 177 3.29 -1.81 0.05
N GLY A 178 2.04 -2.04 0.42
CA GLY A 178 1.50 -1.53 1.66
C GLY A 178 0.88 -0.16 1.52
N GLY A 179 1.19 0.52 0.42
CA GLY A 179 0.65 1.85 0.19
C GLY A 179 -0.79 1.85 -0.27
N PRO A 180 -1.39 3.04 -0.32
CA PRO A 180 -2.85 3.17 -0.52
C PRO A 180 -3.30 3.12 -1.97
N LEU A 181 -4.44 2.47 -2.17
CA LEU A 181 -5.23 2.64 -3.38
C LEU A 181 -6.53 3.28 -2.92
N ILE A 182 -6.77 4.49 -3.38
CA ILE A 182 -7.92 5.28 -2.97
C ILE A 182 -8.91 5.29 -4.12
N CYS A 183 -10.11 4.79 -3.87
CA CYS A 183 -11.13 4.72 -4.91
C CYS A 183 -12.34 5.48 -4.43
N ASN A 184 -12.84 6.38 -5.26
CA ASN A 184 -13.94 7.27 -4.90
C ASN A 184 -13.75 7.94 -3.55
N GLY A 185 -12.51 8.30 -3.24
CA GLY A 185 -12.22 9.05 -2.04
C GLY A 185 -12.08 8.26 -0.75
N TYR A 186 -12.16 6.94 -0.84
CA TYR A 186 -11.95 6.11 0.34
C TYR A 186 -10.82 5.12 0.14
N LEU A 187 -10.26 4.65 1.24
CA LEU A 187 -9.19 3.66 1.15
C LEU A 187 -9.80 2.32 0.74
N GLN A 188 -9.44 1.85 -0.45
CA GLN A 188 -10.02 0.63 -0.99
C GLN A 188 -9.06 -0.56 -0.92
N GLY A 189 -7.77 -0.30 -1.12
CA GLY A 189 -6.81 -1.37 -1.16
C GLY A 189 -5.44 -0.98 -0.68
N LEU A 190 -4.59 -1.99 -0.48
CA LEU A 190 -3.17 -1.79 -0.26
C LEU A 190 -2.43 -2.45 -1.42
N VAL A 191 -1.36 -1.81 -1.90
CA VAL A 191 -0.53 -2.46 -2.89
C VAL A 191 -0.03 -3.79 -2.35
N SER A 192 -0.22 -4.87 -3.11
CA SER A 192 0.17 -6.18 -2.64
C SER A 192 1.19 -6.88 -3.54
N PHE A 193 0.80 -7.24 -4.76
CA PHE A 193 1.70 -7.97 -5.64
C PHE A 193 1.29 -7.80 -7.08
N GLY A 194 2.12 -8.29 -7.99
CA GLY A 194 1.74 -8.34 -9.38
C GLY A 194 2.69 -9.23 -10.15
N LYS A 195 2.54 -9.27 -11.46
CA LYS A 195 3.49 -9.98 -12.29
C LYS A 195 4.72 -9.11 -12.53
N ALA A 196 5.84 -9.77 -12.74
CA ALA A 196 7.07 -9.10 -13.10
C ALA A 196 7.23 -9.25 -14.62
N PRO A 197 7.50 -8.14 -15.33
CA PRO A 197 7.70 -6.78 -14.82
C PRO A 197 6.38 -6.05 -14.54
N CYS A 198 6.45 -5.04 -13.70
CA CYS A 198 5.34 -4.13 -13.46
C CYS A 198 5.07 -3.31 -14.71
N GLY A 199 3.83 -2.88 -14.89
CA GLY A 199 3.51 -1.98 -15.97
C GLY A 199 3.32 -2.63 -17.33
N GLN A 200 3.00 -3.91 -17.36
CA GLN A 200 2.71 -4.58 -18.64
C GLN A 200 1.32 -4.21 -19.16
N VAL A 201 1.22 -4.00 -20.46
CA VAL A 201 -0.08 -3.80 -21.08
C VAL A 201 -0.97 -5.03 -20.82
N GLY A 202 -2.17 -4.79 -20.31
CA GLY A 202 -3.13 -5.88 -20.11
C GLY A 202 -2.97 -6.63 -18.80
N VAL A 203 -2.07 -6.18 -17.94
CA VAL A 203 -1.82 -6.84 -16.67
C VAL A 203 -1.98 -5.85 -15.49
N PRO A 204 -3.10 -5.96 -14.75
CA PRO A 204 -3.32 -5.07 -13.61
C PRO A 204 -2.46 -5.49 -12.44
N GLY A 205 -2.35 -4.61 -11.45
CA GLY A 205 -1.69 -4.97 -10.21
C GLY A 205 -2.73 -5.53 -9.24
N VAL A 206 -2.26 -6.23 -8.21
CA VAL A 206 -3.13 -6.82 -7.22
C VAL A 206 -3.02 -6.08 -5.90
N TYR A 207 -4.18 -5.86 -5.29
CA TYR A 207 -4.32 -5.05 -4.08
C TYR A 207 -5.07 -5.84 -3.03
N THR A 208 -4.73 -5.62 -1.77
CA THR A 208 -5.46 -6.23 -0.68
C THR A 208 -6.87 -5.67 -0.60
N ASN A 209 -7.86 -6.55 -0.56
CA ASN A 209 -9.26 -6.15 -0.65
C ASN A 209 -9.82 -5.74 0.72
N LEU A 210 -9.57 -4.50 1.11
CA LEU A 210 -9.81 -4.06 2.49
C LEU A 210 -11.26 -4.12 2.96
N CYS A 211 -12.21 -4.02 2.05
CA CYS A 211 -13.62 -4.13 2.42
C CYS A 211 -13.94 -5.46 3.10
N LYS A 212 -13.13 -6.48 2.85
CA LYS A 212 -13.34 -7.78 3.46
C LYS A 212 -12.80 -7.88 4.87
N PHE A 213 -12.06 -6.86 5.30
CA PHE A 213 -11.30 -6.92 6.54
C PHE A 213 -11.64 -5.85 7.56
N THR A 214 -12.66 -5.04 7.28
CA THR A 214 -12.99 -3.95 8.18
C THR A 214 -13.33 -4.42 9.59
N GLU A 215 -14.00 -5.57 9.70
N GLU A 215 -14.01 -5.56 9.70
CA GLU A 215 -14.35 -6.13 11.00
CA GLU A 215 -14.35 -6.11 11.01
C GLU A 215 -13.10 -6.54 11.77
C GLU A 215 -13.11 -6.56 11.78
N TRP A 216 -12.20 -7.26 11.10
CA TRP A 216 -10.95 -7.71 11.73
C TRP A 216 -10.11 -6.52 12.17
N ILE A 217 -10.00 -5.53 11.29
CA ILE A 217 -9.22 -4.34 11.59
C ILE A 217 -9.75 -3.63 12.84
N GLU A 218 -11.05 -3.37 12.89
CA GLU A 218 -11.59 -2.63 14.02
C GLU A 218 -11.61 -3.45 15.31
N LYS A 219 -11.82 -4.76 15.19
CA LYS A 219 -11.72 -5.65 16.35
C LYS A 219 -10.33 -5.54 16.95
N THR A 220 -9.32 -5.54 16.10
CA THR A 220 -7.92 -5.47 16.53
C THR A 220 -7.61 -4.11 17.17
N VAL A 221 -8.08 -3.04 16.54
CA VAL A 221 -7.90 -1.68 17.05
C VAL A 221 -8.52 -1.52 18.43
N GLN A 222 -9.67 -2.15 18.63
CA GLN A 222 -10.43 -1.97 19.87
C GLN A 222 -9.99 -2.92 20.99
N ALA A 223 -9.18 -3.92 20.65
CA ALA A 223 -8.80 -4.95 21.62
C ALA A 223 -7.85 -4.42 22.68
N GLY B 1 6.52 -16.03 -11.49
CA GLY B 1 6.52 -14.71 -12.09
C GLY B 1 5.73 -13.69 -11.28
N PHE B 2 5.21 -14.11 -10.14
CA PHE B 2 4.49 -13.18 -9.26
C PHE B 2 5.48 -12.62 -8.23
N CYS B 3 5.40 -11.31 -7.98
CA CYS B 3 6.26 -10.68 -6.98
C CYS B 3 5.45 -9.81 -6.05
N GLN B 4 5.65 -10.01 -4.75
CA GLN B 4 5.18 -9.09 -3.73
C GLN B 4 6.03 -7.82 -3.80
N ARG B 5 5.37 -6.66 -3.83
CA ARG B 5 6.03 -5.43 -4.29
C ARG B 5 6.72 -4.59 -3.19
N SER B 6 7.35 -5.27 -2.24
CA SER B 6 8.27 -4.62 -1.32
C SER B 6 9.55 -4.28 -2.07
N ILE B 7 10.47 -3.59 -1.40
CA ILE B 7 11.81 -3.41 -1.98
C ILE B 7 12.86 -3.77 -0.94
N PRO B 8 13.65 -4.82 -1.21
CA PRO B 8 13.57 -5.71 -2.39
C PRO B 8 12.28 -6.54 -2.39
N PRO B 9 11.82 -6.92 -3.58
CA PRO B 9 10.56 -7.66 -3.70
C PRO B 9 10.72 -9.12 -3.31
N ILE B 10 9.60 -9.80 -3.09
CA ILE B 10 9.60 -11.22 -2.81
C ILE B 10 8.97 -11.91 -4.00
N CYS B 11 9.79 -12.61 -4.78
CA CYS B 11 9.34 -13.18 -6.04
C CYS B 11 9.26 -14.70 -5.99
N PHE B 12 8.38 -15.24 -6.83
CA PHE B 12 8.10 -16.66 -6.83
C PHE B 12 8.23 -17.23 -8.24
N PRO B 13 8.48 -18.54 -8.37
CA PRO B 13 8.72 -19.21 -9.66
C PRO B 13 7.68 -18.91 -10.74
N ASP B 14 6.47 -18.54 -10.34
CA ASP B 14 5.40 -18.26 -11.30
C ASP B 14 5.46 -16.83 -11.84
C1 MPD C . 1.49 26.20 8.06
C2 MPD C . 2.23 25.47 6.95
O2 MPD C . 1.42 25.44 5.74
CM MPD C . 3.53 26.20 6.63
C3 MPD C . 2.58 24.03 7.35
C4 MPD C . 1.41 23.19 7.83
O4 MPD C . 0.35 23.17 6.90
C5 MPD C . 1.92 21.76 8.04
LI LI D . 10.29 0.42 9.37
#